data_7WMM
#
_entry.id   7WMM
#
_cell.length_a   1.00
_cell.length_b   1.00
_cell.length_c   1.00
_cell.angle_alpha   90.00
_cell.angle_beta   90.00
_cell.angle_gamma   90.00
#
_symmetry.space_group_name_H-M   'P 1'
#
loop_
_entity.id
_entity.type
_entity.pdbx_description
1 polymer Alpha-synuclein
2 non-polymer 2-bromanyl-4-[(~{E})-2-[6-[2-(2-fluoranylethoxy)ethyl-methyl-amino]-5-methyl-1,3-benzothiazol-2-yl]ethenyl]phenol
#
_entity_poly.entity_id   1
_entity_poly.type   'polypeptide(L)'
_entity_poly.pdbx_seq_one_letter_code
;MDVFMKGLSKAKEGVVAAAEKTKQGVAEAAGKTKEGVLYVGSKTKEGVVHGVATVAEKTKEQVTNVGGAVVTGVTAVAQK
TVEGAGSIAAATGFVKKDQLGKNEEGAPQEGILEDMPVDPDNEAYEMPSEEGYQDYEPEA
;
_entity_poly.pdbx_strand_id   A,B,C,D,E,F
#
# COMPACT_ATOMS: atom_id res chain seq x y z
N VAL A 37 -37.99 13.36 11.51
CA VAL A 37 -38.02 13.95 12.84
C VAL A 37 -37.35 13.02 13.83
N LEU A 38 -36.85 11.89 13.36
CA LEU A 38 -36.12 10.96 14.22
C LEU A 38 -35.24 10.08 13.35
N TYR A 39 -33.93 10.27 13.43
CA TYR A 39 -32.96 9.41 12.77
C TYR A 39 -32.17 8.68 13.84
N VAL A 40 -31.99 7.37 13.66
CA VAL A 40 -31.20 6.55 14.58
C VAL A 40 -30.24 5.74 13.71
N GLY A 41 -29.03 6.25 13.54
CA GLY A 41 -28.02 5.62 12.71
C GLY A 41 -26.89 5.07 13.54
N SER A 42 -26.49 3.84 13.23
N SER A 42 -26.50 3.83 13.24
CA SER A 42 -25.40 3.17 13.92
CA SER A 42 -25.40 3.17 13.92
C SER A 42 -24.40 2.66 12.89
C SER A 42 -24.40 2.67 12.88
N LYS A 43 -23.13 2.98 13.08
CA LYS A 43 -22.07 2.60 12.15
C LYS A 43 -22.41 3.06 10.72
N THR A 44 -22.68 4.35 10.59
CA THR A 44 -22.99 4.94 9.30
C THR A 44 -21.72 5.51 8.67
N LYS A 45 -21.59 5.34 7.36
CA LYS A 45 -20.45 5.84 6.61
C LYS A 45 -20.96 6.55 5.37
N GLU A 46 -20.65 7.84 5.25
CA GLU A 46 -21.01 8.62 4.07
C GLU A 46 -19.76 9.30 3.54
N GLY A 47 -19.44 9.06 2.27
CA GLY A 47 -18.26 9.64 1.67
C GLY A 47 -16.99 9.22 2.39
N VAL A 48 -16.66 7.94 2.30
CA VAL A 48 -15.53 7.39 3.05
C VAL A 48 -14.68 6.54 2.11
N VAL A 49 -13.37 6.64 2.25
CA VAL A 49 -12.42 5.78 1.56
C VAL A 49 -11.53 5.14 2.61
N HIS A 50 -11.46 3.81 2.61
CA HIS A 50 -10.59 3.16 3.58
C HIS A 50 -10.08 1.85 3.03
N GLY A 51 -8.95 1.40 3.57
CA GLY A 51 -8.30 0.18 3.11
C GLY A 51 -7.80 0.29 1.69
N VAL A 52 -6.82 1.16 1.45
CA VAL A 52 -6.30 1.42 0.12
C VAL A 52 -4.79 1.30 0.15
N ALA A 53 -4.24 0.54 -0.80
CA ALA A 53 -2.80 0.38 -0.95
C ALA A 53 -2.43 0.59 -2.41
N THR A 54 -1.61 1.61 -2.69
CA THR A 54 -1.24 1.94 -4.06
C THR A 54 0.27 2.01 -4.17
N VAL A 55 0.78 1.58 -5.32
CA VAL A 55 2.20 1.66 -5.66
C VAL A 55 2.31 2.27 -7.05
N ALA A 56 3.21 3.24 -7.20
CA ALA A 56 3.44 3.91 -8.48
C ALA A 56 4.94 3.97 -8.74
N GLU A 57 5.43 3.17 -9.68
CA GLU A 57 6.82 3.19 -10.10
C GLU A 57 6.88 3.79 -11.50
N LYS A 58 7.20 5.08 -11.59
CA LYS A 58 7.34 5.78 -12.85
C LYS A 58 8.77 6.26 -13.02
N THR A 59 9.27 6.21 -14.25
CA THR A 59 10.63 6.66 -14.51
C THR A 59 10.69 8.14 -14.88
N LYS A 60 9.70 8.64 -15.60
CA LYS A 60 9.68 10.05 -15.96
C LYS A 60 8.25 10.50 -16.16
N GLU A 61 7.81 11.45 -15.34
CA GLU A 61 6.51 12.09 -15.49
C GLU A 61 6.72 13.55 -15.81
N GLN A 62 6.01 14.05 -16.82
CA GLN A 62 6.22 15.41 -17.30
C GLN A 62 4.88 16.01 -17.69
N VAL A 63 4.61 17.21 -17.21
CA VAL A 63 3.40 17.95 -17.53
C VAL A 63 3.80 19.30 -18.11
N THR A 64 3.20 19.65 -19.24
CA THR A 64 3.47 20.93 -19.91
C THR A 64 2.12 21.59 -20.19
N ASN A 65 1.83 22.67 -19.48
CA ASN A 65 0.56 23.37 -19.60
C ASN A 65 0.81 24.77 -20.12
N VAL A 66 0.09 25.15 -21.17
CA VAL A 66 0.18 26.49 -21.76
C VAL A 66 -1.25 27.03 -21.84
N GLY A 67 -1.67 27.75 -20.82
CA GLY A 67 -2.92 28.50 -20.87
C GLY A 67 -4.16 27.77 -20.40
N GLY A 68 -4.09 26.46 -20.15
CA GLY A 68 -5.27 25.74 -19.73
C GLY A 68 -5.24 25.26 -18.29
N ALA A 69 -5.95 24.17 -18.01
CA ALA A 69 -5.99 23.58 -16.68
C ALA A 69 -5.65 22.10 -16.76
N VAL A 70 -4.90 21.63 -15.77
CA VAL A 70 -4.49 20.22 -15.70
C VAL A 70 -4.59 19.76 -14.26
N VAL A 71 -5.26 18.62 -14.06
CA VAL A 71 -5.35 17.96 -12.76
C VAL A 71 -4.89 16.52 -12.94
N THR A 72 -3.79 16.16 -12.29
CA THR A 72 -3.23 14.83 -12.43
C THR A 72 -2.87 14.26 -11.06
N GLY A 73 -3.12 12.96 -10.89
CA GLY A 73 -2.71 12.25 -9.70
C GLY A 73 -3.49 12.54 -8.44
N VAL A 74 -4.78 12.20 -8.42
CA VAL A 74 -5.63 12.38 -7.25
C VAL A 74 -6.02 11.01 -6.74
N THR A 75 -5.72 10.73 -5.48
CA THR A 75 -5.99 9.41 -4.91
C THR A 75 -6.39 9.52 -3.45
N ALA A 76 -7.30 8.65 -3.03
CA ALA A 76 -7.75 8.55 -1.64
C ALA A 76 -8.33 9.87 -1.14
N VAL A 77 -9.43 10.27 -1.76
CA VAL A 77 -10.08 11.54 -1.45
C VAL A 77 -11.55 11.28 -1.16
N ALA A 78 -12.08 11.95 -0.14
CA ALA A 78 -13.47 11.76 0.25
C ALA A 78 -14.03 13.05 0.82
N GLN A 79 -15.31 13.30 0.58
CA GLN A 79 -15.91 14.50 1.13
C GLN A 79 -17.42 14.34 1.18
N LYS A 80 -18.07 15.30 1.83
CA LYS A 80 -19.52 15.35 1.94
C LYS A 80 -19.94 16.81 1.95
N THR A 81 -20.89 17.16 1.09
CA THR A 81 -21.33 18.54 0.95
C THR A 81 -22.85 18.60 1.12
N VAL A 82 -23.31 19.56 1.90
CA VAL A 82 -24.73 19.79 2.11
C VAL A 82 -25.08 21.18 1.61
N GLU A 83 -26.03 21.25 0.68
CA GLU A 83 -26.41 22.50 0.01
C GLU A 83 -25.18 23.20 -0.58
N GLY A 84 -24.59 22.52 -1.54
CA GLY A 84 -23.48 23.08 -2.28
C GLY A 84 -22.99 22.08 -3.31
N ALA A 85 -22.32 22.61 -4.32
CA ALA A 85 -21.74 21.76 -5.34
C ALA A 85 -20.47 21.08 -4.81
N GLY A 86 -20.32 19.80 -5.12
CA GLY A 86 -19.16 19.05 -4.66
C GLY A 86 -18.34 18.50 -5.79
N SER A 87 -17.11 18.98 -5.94
CA SER A 87 -16.22 18.59 -7.02
C SER A 87 -14.92 18.07 -6.45
N ILE A 88 -14.38 17.01 -7.06
CA ILE A 88 -13.15 16.44 -6.55
C ILE A 88 -11.97 16.85 -7.42
N ALA A 89 -11.96 16.43 -8.69
CA ALA A 89 -10.86 16.71 -9.61
C ALA A 89 -11.44 17.30 -10.88
N ALA A 90 -11.64 18.61 -10.88
CA ALA A 90 -12.27 19.32 -11.98
C ALA A 90 -11.28 20.30 -12.59
N ALA A 91 -11.06 20.18 -13.89
CA ALA A 91 -10.20 21.10 -14.64
C ALA A 91 -11.08 21.87 -15.62
N THR A 92 -11.14 23.18 -15.45
CA THR A 92 -11.85 24.07 -16.35
C THR A 92 -10.83 24.86 -17.16
N GLY A 93 -10.96 24.83 -18.48
CA GLY A 93 -10.00 25.44 -19.38
C GLY A 93 -9.76 26.91 -19.14
N PHE A 94 -10.82 27.72 -19.25
CA PHE A 94 -10.82 29.12 -18.85
C PHE A 94 -12.23 29.63 -19.04
N VAL A 95 -12.46 30.87 -18.59
CA VAL A 95 -13.75 31.53 -18.69
C VAL A 95 -13.52 32.86 -19.42
N LYS A 96 -13.90 32.92 -20.69
CA LYS A 96 -13.75 34.13 -21.49
C LYS A 96 -15.05 34.93 -21.48
N LYS A 97 -14.93 36.23 -21.70
CA LYS A 97 -16.07 37.12 -21.76
C LYS A 97 -15.90 38.18 -22.84
N VAL B 37 -35.68 16.47 14.44
CA VAL B 37 -35.70 17.07 15.77
C VAL B 37 -35.05 16.14 16.77
N LEU B 38 -34.57 14.99 16.31
CA LEU B 38 -33.85 14.07 17.19
C LEU B 38 -32.98 13.17 16.33
N TYR B 39 -31.67 13.36 16.41
CA TYR B 39 -30.70 12.48 15.78
C TYR B 39 -29.91 11.75 16.85
N VAL B 40 -29.74 10.44 16.68
CA VAL B 40 -28.98 9.61 17.60
C VAL B 40 -28.01 8.79 16.75
N GLY B 41 -26.79 9.29 16.59
CA GLY B 41 -25.79 8.65 15.77
C GLY B 41 -24.66 8.09 16.61
N SER B 42 -24.28 6.86 16.32
N SER B 42 -24.29 6.85 16.33
CA SER B 42 -23.20 6.17 17.02
CA SER B 42 -23.20 6.17 17.02
C SER B 42 -22.21 5.65 16.00
C SER B 42 -22.21 5.67 15.99
N LYS B 43 -20.93 5.97 16.19
CA LYS B 43 -19.86 5.57 15.27
C LYS B 43 -20.18 6.02 13.84
N THR B 44 -20.45 7.31 13.70
CA THR B 44 -20.74 7.90 12.40
C THR B 44 -19.47 8.45 11.78
N LYS B 45 -19.32 8.27 10.47
CA LYS B 45 -18.17 8.75 9.72
C LYS B 45 -18.67 9.47 8.48
N GLU B 46 -18.35 10.75 8.35
CA GLU B 46 -18.69 11.53 7.17
C GLU B 46 -17.42 12.19 6.63
N GLY B 47 -17.10 11.94 5.37
CA GLY B 47 -15.91 12.51 4.78
C GLY B 47 -14.66 12.08 5.51
N VAL B 48 -14.32 10.80 5.43
CA VAL B 48 -13.21 10.24 6.19
C VAL B 48 -12.36 9.38 5.27
N VAL B 49 -11.05 9.47 5.42
CA VAL B 49 -10.11 8.60 4.73
C VAL B 49 -9.22 7.95 5.79
N HIS B 50 -9.17 6.62 5.80
CA HIS B 50 -8.32 5.97 6.79
C HIS B 50 -7.81 4.65 6.25
N GLY B 51 -6.69 4.19 6.79
CA GLY B 51 -6.05 2.97 6.35
C GLY B 51 -5.53 3.06 4.94
N VAL B 52 -4.55 3.92 4.70
CA VAL B 52 -4.02 4.17 3.37
C VAL B 52 -2.51 4.03 3.41
N ALA B 53 -1.95 3.27 2.46
CA ALA B 53 -0.51 3.09 2.33
C ALA B 53 -0.14 3.29 0.87
N THR B 54 0.69 4.30 0.59
CA THR B 54 1.08 4.61 -0.77
C THR B 54 2.59 4.66 -0.87
N VAL B 55 3.10 4.22 -2.02
CA VAL B 55 4.53 4.30 -2.35
C VAL B 55 4.66 4.90 -3.74
N ALA B 56 5.56 5.85 -3.90
CA ALA B 56 5.80 6.50 -5.18
C ALA B 56 7.31 6.57 -5.42
N GLU B 57 7.80 5.75 -6.35
CA GLU B 57 9.19 5.77 -6.77
C GLU B 57 9.26 6.36 -8.17
N LYS B 58 9.60 7.64 -8.26
CA LYS B 58 9.76 8.33 -9.53
C LYS B 58 11.20 8.79 -9.69
N THR B 59 11.70 8.73 -10.93
CA THR B 59 13.08 9.16 -11.17
C THR B 59 13.15 10.64 -11.54
N LYS B 60 12.17 11.15 -12.28
CA LYS B 60 12.16 12.55 -12.65
C LYS B 60 10.73 13.01 -12.85
N GLU B 61 10.30 13.97 -12.05
CA GLU B 61 9.00 14.61 -12.22
C GLU B 61 9.23 16.08 -12.55
N GLN B 62 8.52 16.58 -13.55
CA GLN B 62 8.75 17.93 -14.04
C GLN B 62 7.43 18.55 -14.45
N VAL B 63 7.16 19.76 -13.99
CA VAL B 63 5.96 20.50 -14.32
C VAL B 63 6.38 21.84 -14.90
N THR B 64 5.79 22.19 -16.03
CA THR B 64 6.07 23.46 -16.71
C THR B 64 4.73 24.12 -17.00
N ASN B 65 4.45 25.21 -16.31
CA ASN B 65 3.19 25.92 -16.44
C ASN B 65 3.45 27.32 -16.97
N VAL B 66 2.74 27.70 -18.02
CA VAL B 66 2.85 29.03 -18.62
C VAL B 66 1.43 29.59 -18.73
N GLY B 67 1.00 30.32 -17.70
CA GLY B 67 -0.23 31.08 -17.77
C GLY B 67 -1.48 30.37 -17.30
N GLY B 68 -1.43 29.06 -17.04
CA GLY B 68 -2.61 28.35 -16.63
C GLY B 68 -2.60 27.87 -15.18
N ALA B 69 -3.33 26.80 -14.89
CA ALA B 69 -3.38 26.22 -13.57
C ALA B 69 -3.05 24.74 -13.64
N VAL B 70 -2.32 24.26 -12.65
CA VAL B 70 -1.91 22.85 -12.56
C VAL B 70 -2.03 22.39 -11.12
N VAL B 71 -2.72 21.27 -10.90
CA VAL B 71 -2.81 20.62 -9.61
C VAL B 71 -2.37 19.18 -9.78
N THR B 72 -1.28 18.81 -9.12
CA THR B 72 -0.73 17.46 -9.24
C THR B 72 -0.39 16.89 -7.87
N GLY B 73 -0.65 15.61 -7.69
CA GLY B 73 -0.25 14.90 -6.48
C GLY B 73 -1.04 15.22 -5.24
N VAL B 74 -2.33 14.88 -5.23
CA VAL B 74 -3.20 15.07 -4.08
C VAL B 74 -3.60 13.70 -3.56
N THR B 75 -3.30 13.43 -2.29
CA THR B 75 -3.59 12.13 -1.71
C THR B 75 -4.00 12.25 -0.25
N ALA B 76 -4.93 11.39 0.17
CA ALA B 76 -5.40 11.30 1.55
C ALA B 76 -5.95 12.63 2.04
N VAL B 77 -7.05 13.04 1.41
CA VAL B 77 -7.70 14.31 1.70
C VAL B 77 -9.17 14.06 2.00
N ALA B 78 -9.70 14.75 3.00
CA ALA B 78 -11.10 14.57 3.39
C ALA B 78 -11.63 15.87 3.94
N GLN B 79 -12.91 16.13 3.68
CA GLN B 79 -13.52 17.34 4.23
C GLN B 79 -15.04 17.19 4.26
N LYS B 80 -15.67 18.17 4.91
CA LYS B 80 -17.12 18.23 5.01
C LYS B 80 -17.52 19.70 5.00
N THR B 81 -18.47 20.05 4.13
CA THR B 81 -18.90 21.43 3.98
C THR B 81 -20.41 21.50 4.13
N VAL B 82 -20.88 22.48 4.90
CA VAL B 82 -22.30 22.71 5.10
C VAL B 82 -22.63 24.11 4.60
N GLU B 83 -23.57 24.19 3.66
CA GLU B 83 -23.94 25.42 2.98
C GLU B 83 -22.70 26.11 2.40
N GLY B 84 -22.10 25.43 1.44
CA GLY B 84 -20.98 25.97 0.71
C GLY B 84 -20.49 24.96 -0.31
N ALA B 85 -19.81 25.48 -1.32
CA ALA B 85 -19.22 24.61 -2.33
C ALA B 85 -17.97 23.93 -1.79
N GLY B 86 -17.83 22.65 -2.09
CA GLY B 86 -16.68 21.89 -1.62
C GLY B 86 -15.86 21.32 -2.74
N SER B 87 -14.63 21.79 -2.88
CA SER B 87 -13.73 21.38 -3.96
C SER B 87 -12.44 20.85 -3.37
N ILE B 88 -11.90 19.79 -3.97
CA ILE B 88 -10.67 19.21 -3.45
C ILE B 88 -9.49 19.60 -4.32
N ALA B 89 -9.48 19.17 -5.58
CA ALA B 89 -8.36 19.44 -6.48
C ALA B 89 -8.93 20.03 -7.77
N ALA B 90 -9.11 21.35 -7.78
CA ALA B 90 -9.73 22.05 -8.89
C ALA B 90 -8.72 23.01 -9.50
N ALA B 91 -8.50 22.88 -10.80
CA ALA B 91 -7.64 23.78 -11.55
C ALA B 91 -8.50 24.55 -12.54
N THR B 92 -8.54 25.88 -12.37
CA THR B 92 -9.24 26.77 -13.29
C THR B 92 -8.21 27.54 -14.10
N GLY B 93 -8.34 27.49 -15.42
CA GLY B 93 -7.36 28.08 -16.31
C GLY B 93 -7.10 29.57 -16.07
N PHE B 94 -8.14 30.38 -16.20
CA PHE B 94 -8.14 31.79 -15.80
C PHE B 94 -9.55 32.32 -16.01
N VAL B 95 -9.77 33.55 -15.58
CA VAL B 95 -11.05 34.23 -15.70
C VAL B 95 -10.79 35.55 -16.42
N LYS B 96 -11.17 35.60 -17.70
CA LYS B 96 -11.01 36.81 -18.50
C LYS B 96 -12.30 37.62 -18.50
N LYS B 97 -12.16 38.91 -18.73
CA LYS B 97 -13.30 39.81 -18.81
C LYS B 97 -13.11 40.87 -19.89
N VAL C 37 36.77 -15.03 -13.30
CA VAL C 37 37.96 -14.26 -12.93
C VAL C 37 37.75 -12.80 -13.26
N LEU C 38 36.59 -12.47 -13.81
CA LEU C 38 36.27 -11.07 -14.12
C LEU C 38 34.76 -10.92 -14.15
N TYR C 39 34.20 -10.26 -13.15
CA TYR C 39 32.79 -9.92 -13.11
C TYR C 39 32.64 -8.42 -13.25
N VAL C 40 31.74 -7.98 -14.12
CA VAL C 40 31.46 -6.57 -14.32
C VAL C 40 29.94 -6.42 -14.26
N GLY C 41 29.42 -6.05 -13.09
CA GLY C 41 27.99 -5.93 -12.87
C GLY C 41 27.61 -4.48 -12.63
N SER C 42 26.54 -4.05 -13.30
N SER C 42 26.53 -4.05 -13.29
CA SER C 42 26.01 -2.70 -13.16
CA SER C 42 26.01 -2.70 -13.16
C SER C 42 24.54 -2.78 -12.84
C SER C 42 24.53 -2.75 -12.85
N LYS C 43 24.12 -2.07 -11.78
CA LYS C 43 22.73 -2.07 -11.34
C LYS C 43 22.22 -3.50 -11.11
N THR C 44 22.97 -4.24 -10.32
CA THR C 44 22.62 -5.61 -9.96
C THR C 44 21.80 -5.61 -8.68
N LYS C 45 20.77 -6.46 -8.65
CA LYS C 45 19.91 -6.62 -7.48
C LYS C 45 19.77 -8.10 -7.19
N GLU C 46 20.21 -8.52 -6.01
CA GLU C 46 20.07 -9.90 -5.55
C GLU C 46 19.36 -9.90 -4.20
N GLY C 47 18.25 -10.61 -4.11
CA GLY C 47 17.49 -10.67 -2.88
C GLY C 47 17.03 -9.31 -2.43
N VAL C 48 16.13 -8.69 -3.18
CA VAL C 48 15.69 -7.33 -2.92
C VAL C 48 14.17 -7.28 -2.97
N VAL C 49 13.58 -6.52 -2.06
CA VAL C 49 12.16 -6.23 -2.06
C VAL C 49 12.00 -4.71 -2.03
N HIS C 50 11.29 -4.16 -3.01
CA HIS C 50 11.09 -2.72 -3.02
C HIS C 50 9.76 -2.38 -3.67
N GLY C 51 9.25 -1.21 -3.32
CA GLY C 51 7.96 -0.75 -3.81
C GLY C 51 6.81 -1.60 -3.32
N VAL C 52 6.56 -1.59 -2.01
CA VAL C 52 5.55 -2.43 -1.39
C VAL C 52 4.67 -1.56 -0.52
N ALA C 53 3.35 -1.69 -0.68
CA ALA C 53 2.37 -0.97 0.12
C ALA C 53 1.30 -1.96 0.58
N THR C 54 1.18 -2.14 1.89
CA THR C 54 0.24 -3.11 2.46
C THR C 54 -0.61 -2.45 3.52
N VAL C 55 -1.88 -2.85 3.57
CA VAL C 55 -2.82 -2.39 4.59
C VAL C 55 -3.47 -3.61 5.22
N ALA C 56 -3.56 -3.63 6.55
CA ALA C 56 -4.16 -4.74 7.28
C ALA C 56 -5.12 -4.17 8.32
N GLU C 57 -6.41 -4.30 8.08
CA GLU C 57 -7.45 -3.90 9.02
C GLU C 57 -8.07 -5.17 9.60
N LYS C 58 -7.65 -5.54 10.82
CA LYS C 58 -8.18 -6.70 11.51
C LYS C 58 -8.86 -6.25 12.80
N THR C 59 -9.95 -6.91 13.16
CA THR C 59 -10.64 -6.54 14.39
C THR C 59 -10.15 -7.35 15.58
N LYS C 60 -9.79 -8.62 15.39
CA LYS C 60 -9.30 -9.44 16.48
C LYS C 60 -8.40 -10.52 15.92
N GLU C 61 -7.13 -10.49 16.29
CA GLU C 61 -6.18 -11.54 15.96
C GLU C 61 -5.73 -12.22 17.24
N GLN C 62 -5.75 -13.55 17.22
CA GLN C 62 -5.45 -14.32 18.41
C GLN C 62 -4.64 -15.56 18.03
N VAL C 63 -3.57 -15.80 18.78
CA VAL C 63 -2.72 -16.97 18.57
C VAL C 63 -2.60 -17.71 19.90
N THR C 64 -2.84 -19.01 19.87
CA THR C 64 -2.75 -19.86 21.06
C THR C 64 -1.85 -21.03 20.73
N ASN C 65 -0.66 -21.05 21.29
CA ASN C 65 0.33 -22.08 21.03
C ASN C 65 0.57 -22.88 22.30
N VAL C 66 0.50 -24.20 22.20
CA VAL C 66 0.76 -25.09 23.32
C VAL C 66 1.78 -26.12 22.83
N GLY C 67 3.06 -25.84 23.07
CA GLY C 67 4.12 -26.81 22.84
C GLY C 67 4.72 -26.85 21.46
N GLY C 68 4.15 -26.14 20.49
CA GLY C 68 4.69 -26.17 19.14
C GLY C 68 5.39 -24.90 18.71
N ALA C 69 5.36 -24.62 17.40
CA ALA C 69 5.95 -23.43 16.84
C ALA C 69 4.96 -22.74 15.93
N VAL C 70 4.93 -21.41 15.98
CA VAL C 70 4.02 -20.61 15.17
C VAL C 70 4.77 -19.39 14.65
N VAL C 71 4.70 -19.16 13.34
CA VAL C 71 5.25 -17.96 12.70
C VAL C 71 4.13 -17.31 11.90
N THR C 72 3.74 -16.10 12.30
CA THR C 72 2.66 -15.39 11.64
C THR C 72 3.08 -13.95 11.33
N GLY C 73 2.64 -13.46 10.17
CA GLY C 73 2.82 -12.06 9.82
C GLY C 73 4.23 -11.64 9.46
N VAL C 74 4.76 -12.16 8.37
CA VAL C 74 6.10 -11.82 7.89
C VAL C 74 5.93 -11.11 6.55
N THR C 75 6.45 -9.89 6.45
CA THR C 75 6.27 -9.08 5.24
C THR C 75 7.50 -8.23 4.98
N ALA C 76 7.83 -8.06 3.70
CA ALA C 76 8.93 -7.20 3.24
C ALA C 76 10.26 -7.63 3.85
N VAL C 77 10.68 -8.84 3.49
CA VAL C 77 11.89 -9.44 4.02
C VAL C 77 12.76 -9.90 2.86
N ALA C 78 14.07 -9.66 2.97
CA ALA C 78 15.00 -10.01 1.91
C ALA C 78 16.34 -10.36 2.52
N GLN C 79 17.04 -11.32 1.89
CA GLN C 79 18.36 -11.68 2.39
C GLN C 79 19.15 -12.40 1.31
N LYS C 80 20.43 -12.59 1.59
CA LYS C 80 21.34 -13.30 0.71
C LYS C 80 22.31 -14.09 1.57
N THR C 81 22.50 -15.36 1.25
CA THR C 81 23.35 -16.23 2.03
C THR C 81 24.34 -16.94 1.11
N VAL C 82 25.60 -16.98 1.52
CA VAL C 82 26.65 -17.64 0.75
C VAL C 82 27.24 -18.74 1.61
N GLU C 83 27.16 -19.98 1.10
CA GLU C 83 27.57 -21.19 1.82
C GLU C 83 26.89 -21.25 3.20
N GLY C 84 25.58 -21.38 3.14
CA GLY C 84 24.79 -21.57 4.33
C GLY C 84 23.34 -21.71 3.95
N ALA C 85 22.58 -22.31 4.87
CA ALA C 85 21.15 -22.45 4.65
C ALA C 85 20.45 -21.11 4.87
N GLY C 86 19.48 -20.81 4.02
CA GLY C 86 18.75 -19.57 4.14
C GLY C 86 17.27 -19.78 4.31
N SER C 87 16.74 -19.42 5.49
CA SER C 87 15.34 -19.61 5.83
C SER C 87 14.75 -18.27 6.21
N ILE C 88 13.48 -18.06 5.85
CA ILE C 88 12.80 -16.80 6.14
C ILE C 88 11.77 -16.99 7.25
N ALA C 89 10.74 -17.80 7.00
CA ALA C 89 9.67 -18.02 7.99
C ALA C 89 9.49 -19.53 8.16
N ALA C 90 10.30 -20.12 9.03
CA ALA C 90 10.31 -21.56 9.24
C ALA C 90 9.88 -21.87 10.65
N ALA C 91 8.83 -22.67 10.79
CA ALA C 91 8.34 -23.14 12.08
C ALA C 91 8.62 -24.64 12.17
N THR C 92 9.45 -25.03 13.14
CA THR C 92 9.74 -26.42 13.41
C THR C 92 9.08 -26.81 14.73
N GLY C 93 8.29 -27.87 14.70
CA GLY C 93 7.50 -28.28 15.86
C GLY C 93 8.31 -28.53 17.12
N PHE C 94 9.23 -29.48 17.06
CA PHE C 94 10.22 -29.71 18.11
C PHE C 94 11.16 -30.81 17.61
N VAL C 95 12.23 -31.02 18.37
CA VAL C 95 13.23 -32.05 18.06
C VAL C 95 13.32 -32.97 19.26
N LYS C 96 12.67 -34.13 19.17
CA LYS C 96 12.71 -35.13 20.22
C LYS C 96 13.86 -36.10 19.98
N LYS C 97 14.30 -36.75 21.06
CA LYS C 97 15.37 -37.74 20.98
C LYS C 97 15.09 -38.89 21.94
N VAL D 37 39.00 -12.76 -9.63
CA VAL D 37 40.19 -11.99 -9.25
C VAL D 37 40.00 -10.54 -9.60
N LEU D 38 38.84 -10.19 -10.16
CA LEU D 38 38.55 -8.80 -10.47
C LEU D 38 37.04 -8.63 -10.53
N TYR D 39 36.47 -7.96 -9.52
CA TYR D 39 35.06 -7.61 -9.50
C TYR D 39 34.94 -6.10 -9.66
N VAL D 40 34.04 -5.67 -10.53
CA VAL D 40 33.77 -4.25 -10.74
C VAL D 40 32.26 -4.09 -10.70
N GLY D 41 31.73 -3.71 -9.53
CA GLY D 41 30.30 -3.57 -9.33
C GLY D 41 29.93 -2.12 -9.09
N SER D 42 28.87 -1.69 -9.77
N SER D 42 28.86 -1.68 -9.76
CA SER D 42 28.36 -0.33 -9.64
CA SER D 42 28.36 -0.32 -9.64
C SER D 42 26.88 -0.39 -9.34
C SER D 42 26.87 -0.37 -9.35
N LYS D 43 26.45 0.33 -8.29
CA LYS D 43 25.06 0.35 -7.85
C LYS D 43 24.54 -1.08 -7.62
N THR D 44 25.28 -1.83 -6.81
CA THR D 44 24.91 -3.18 -6.45
C THR D 44 24.08 -3.18 -5.18
N LYS D 45 23.04 -4.01 -5.16
CA LYS D 45 22.18 -4.16 -3.98
C LYS D 45 22.02 -5.63 -3.68
N GLU D 46 22.44 -6.05 -2.50
CA GLU D 46 22.28 -7.43 -2.04
C GLU D 46 21.58 -7.41 -0.69
N GLY D 47 20.45 -8.11 -0.60
CA GLY D 47 19.69 -8.16 0.62
C GLY D 47 19.23 -6.79 1.06
N VAL D 48 18.34 -6.17 0.30
CA VAL D 48 17.92 -4.79 0.54
C VAL D 48 16.40 -4.74 0.49
N VAL D 49 15.82 -3.95 1.39
CA VAL D 49 14.39 -3.66 1.38
C VAL D 49 14.25 -2.15 1.39
N HIS D 50 13.55 -1.60 0.39
CA HIS D 50 13.36 -0.16 0.37
C HIS D 50 12.04 0.20 -0.27
N GLY D 51 11.53 1.38 0.06
CA GLY D 51 10.26 1.84 -0.44
C GLY D 51 9.09 1.02 0.05
N VAL D 52 8.84 1.03 1.35
CA VAL D 52 7.81 0.21 1.97
C VAL D 52 6.92 1.09 2.84
N ALA D 53 5.61 0.97 2.65
CA ALA D 53 4.63 1.70 3.45
C ALA D 53 3.56 0.72 3.90
N THR D 54 3.42 0.56 5.22
CA THR D 54 2.47 -0.40 5.78
C THR D 54 1.61 0.27 6.83
N VAL D 55 0.34 -0.11 6.88
CA VAL D 55 -0.60 0.36 7.89
C VAL D 55 -1.27 -0.86 8.52
N ALA D 56 -1.36 -0.86 9.84
CA ALA D 56 -1.98 -1.95 10.59
C ALA D 56 -2.94 -1.38 11.61
N GLU D 57 -4.24 -1.50 11.36
CA GLU D 57 -5.28 -1.09 12.29
C GLU D 57 -5.91 -2.35 12.88
N LYS D 58 -5.51 -2.71 14.09
CA LYS D 58 -6.06 -3.86 14.79
C LYS D 58 -6.73 -3.40 16.08
N THR D 59 -7.83 -4.03 16.44
CA THR D 59 -8.54 -3.67 17.66
C THR D 59 -8.06 -4.47 18.87
N LYS D 60 -7.71 -5.74 18.67
CA LYS D 60 -7.24 -6.55 19.77
C LYS D 60 -6.34 -7.65 19.22
N GLU D 61 -5.07 -7.63 19.60
CA GLU D 61 -4.14 -8.69 19.28
C GLU D 61 -3.69 -9.37 20.57
N GLN D 62 -3.72 -10.70 20.58
CA GLN D 62 -3.44 -11.47 21.77
C GLN D 62 -2.64 -12.70 21.40
N VAL D 63 -1.58 -12.96 22.15
CA VAL D 63 -0.73 -14.13 21.97
C VAL D 63 -0.64 -14.86 23.30
N THR D 64 -0.89 -16.16 23.28
CA THR D 64 -0.82 -17.00 24.46
C THR D 64 0.08 -18.19 24.14
N ASN D 65 1.27 -18.21 24.73
CA ASN D 65 2.25 -19.26 24.47
C ASN D 65 2.47 -20.05 25.76
N VAL D 66 2.39 -21.37 25.65
CA VAL D 66 2.63 -22.26 26.78
C VAL D 66 3.65 -23.30 26.32
N GLY D 67 4.93 -23.03 26.55
CA GLY D 67 5.97 -24.01 26.35
C GLY D 67 6.59 -24.06 24.97
N GLY D 68 6.03 -23.36 23.99
CA GLY D 68 6.58 -23.41 22.64
C GLY D 68 7.29 -22.14 22.20
N ALA D 69 7.27 -21.87 20.90
CA ALA D 69 7.89 -20.68 20.33
C ALA D 69 6.90 -19.99 19.41
N VAL D 70 6.89 -18.67 19.45
CA VAL D 70 5.99 -17.86 18.64
C VAL D 70 6.76 -16.65 18.12
N VAL D 71 6.69 -16.42 16.80
CA VAL D 71 7.27 -15.24 16.16
C VAL D 71 6.16 -14.58 15.35
N THR D 72 5.78 -13.37 15.73
CA THR D 72 4.71 -12.65 15.05
C THR D 72 5.14 -11.22 14.75
N GLY D 73 4.72 -10.72 13.58
CA GLY D 73 4.91 -9.33 13.22
C GLY D 73 6.32 -8.93 12.87
N VAL D 74 6.86 -9.47 11.79
CA VAL D 74 8.20 -9.13 11.31
C VAL D 74 8.05 -8.43 9.97
N THR D 75 8.58 -7.21 9.86
CA THR D 75 8.42 -6.42 8.66
C THR D 75 9.66 -5.57 8.39
N ALA D 76 10.01 -5.42 7.11
CA ALA D 76 11.11 -4.57 6.65
C ALA D 76 12.44 -5.00 7.27
N VAL D 77 12.85 -6.22 6.93
CA VAL D 77 14.05 -6.83 7.47
C VAL D 77 14.93 -7.30 6.32
N ALA D 78 16.23 -7.08 6.44
CA ALA D 78 17.17 -7.45 5.39
C ALA D 78 18.50 -7.81 6.01
N GLN D 79 19.19 -8.77 5.40
CA GLN D 79 20.51 -9.14 5.91
C GLN D 79 21.29 -9.88 4.84
N LYS D 80 22.58 -10.07 5.12
CA LYS D 80 23.49 -10.79 4.25
C LYS D 80 24.44 -11.59 5.13
N THR D 81 24.62 -12.86 4.82
CA THR D 81 25.46 -13.74 5.62
C THR D 81 26.45 -14.46 4.70
N VAL D 82 27.71 -14.51 5.11
CA VAL D 82 28.76 -15.19 4.36
C VAL D 82 29.33 -16.29 5.23
N GLU D 83 29.24 -17.53 4.73
CA GLU D 83 29.64 -18.73 5.46
C GLU D 83 28.95 -18.78 6.83
N GLY D 84 27.64 -18.90 6.76
CA GLY D 84 26.83 -19.08 7.96
C GLY D 84 25.38 -19.20 7.57
N ALA D 85 24.61 -19.79 8.48
CA ALA D 85 23.18 -19.92 8.26
C ALA D 85 22.49 -18.57 8.47
N GLY D 86 21.53 -18.27 7.60
CA GLY D 86 20.81 -17.02 7.71
C GLY D 86 19.33 -17.21 7.87
N SER D 87 18.81 -16.85 9.04
CA SER D 87 17.40 -17.01 9.38
C SER D 87 16.80 -15.67 9.73
N ILE D 88 15.55 -15.44 9.37
CA ILE D 88 14.87 -14.19 9.65
C ILE D 88 13.83 -14.35 10.75
N ALA D 89 12.79 -15.16 10.50
CA ALA D 89 11.72 -15.37 11.48
C ALA D 89 11.52 -16.87 11.65
N ALA D 90 12.32 -17.45 12.54
CA ALA D 90 12.32 -18.90 12.75
C ALA D 90 11.87 -19.19 14.18
N ALA D 91 10.81 -19.99 14.30
CA ALA D 91 10.32 -20.45 15.58
C ALA D 91 10.57 -21.94 15.70
N THR D 92 11.40 -22.34 16.66
CA THR D 92 11.67 -23.73 16.96
C THR D 92 11.01 -24.10 18.27
N GLY D 93 10.20 -25.16 18.25
CA GLY D 93 9.40 -25.55 19.40
C GLY D 93 10.19 -25.80 20.66
N PHE D 94 11.11 -26.76 20.62
CA PHE D 94 12.09 -27.00 21.67
C PHE D 94 13.02 -28.10 21.19
N VAL D 95 14.08 -28.33 21.96
CA VAL D 95 15.07 -29.36 21.66
C VAL D 95 15.14 -30.27 22.87
N LYS D 96 14.49 -31.43 22.78
CA LYS D 96 14.51 -32.42 23.83
C LYS D 96 15.66 -33.41 23.61
N LYS D 97 16.08 -34.05 24.71
CA LYS D 97 17.14 -35.05 24.63
C LYS D 97 16.85 -36.20 25.59
N VAL E 37 -40.29 10.26 8.57
CA VAL E 37 -40.31 10.84 9.90
C VAL E 37 -39.62 9.92 10.90
N LEU E 38 -39.12 8.78 10.41
CA LEU E 38 -38.37 7.86 11.25
C LEU E 38 -37.51 6.99 10.37
N TYR E 39 -36.19 7.19 10.44
CA TYR E 39 -35.22 6.34 9.78
C TYR E 39 -34.41 5.61 10.84
N VAL E 40 -34.22 4.31 10.64
CA VAL E 40 -33.42 3.49 11.54
C VAL E 40 -32.46 2.70 10.67
N GLY E 41 -31.25 3.22 10.49
CA GLY E 41 -30.24 2.60 9.65
C GLY E 41 -29.09 2.05 10.47
N SER E 42 -28.69 0.83 10.15
N SER E 42 -28.70 0.82 10.17
CA SER E 42 -27.59 0.16 10.83
CA SER E 42 -27.59 0.16 10.83
C SER E 42 -26.61 -0.34 9.79
C SER E 42 -26.61 -0.32 9.77
N LYS E 43 -25.33 0.01 9.97
CA LYS E 43 -24.27 -0.35 9.03
C LYS E 43 -24.62 0.10 7.61
N THR E 44 -24.91 1.39 7.48
CA THR E 44 -25.23 1.99 6.20
C THR E 44 -23.98 2.58 5.57
N LYS E 45 -23.85 2.40 4.25
CA LYS E 45 -22.72 2.93 3.49
C LYS E 45 -23.25 3.65 2.26
N GLU E 46 -22.95 4.93 2.15
CA GLU E 46 -23.33 5.72 0.98
C GLU E 46 -22.09 6.42 0.44
N GLY E 47 -21.78 6.19 -0.83
CA GLY E 47 -20.60 6.78 -1.43
C GLY E 47 -19.33 6.36 -0.72
N VAL E 48 -18.98 5.09 -0.82
CA VAL E 48 -17.84 4.54 -0.09
C VAL E 48 -16.99 3.70 -1.05
N VAL E 49 -15.67 3.82 -0.91
CA VAL E 49 -14.73 2.97 -1.61
C VAL E 49 -13.82 2.34 -0.58
N HIS E 50 -13.73 1.01 -0.58
CA HIS E 50 -12.86 0.36 0.37
C HIS E 50 -12.34 -0.95 -0.19
N GLY E 51 -11.20 -1.39 0.34
CA GLY E 51 -10.55 -2.59 -0.13
C GLY E 51 -10.05 -2.48 -1.55
N VAL E 52 -9.09 -1.60 -1.79
CA VAL E 52 -8.58 -1.33 -3.13
C VAL E 52 -7.07 -1.45 -3.11
N ALA E 53 -6.51 -2.17 -4.08
CA ALA E 53 -5.07 -2.31 -4.23
C ALA E 53 -4.72 -2.09 -5.69
N THR E 54 -3.92 -1.07 -5.97
CA THR E 54 -3.55 -0.74 -7.33
C THR E 54 -2.05 -0.66 -7.47
N VAL E 55 -1.55 -1.06 -8.62
CA VAL E 55 -0.14 -0.96 -8.97
C VAL E 55 -0.03 -0.36 -10.36
N ALA E 56 0.85 0.63 -10.51
CA ALA E 56 1.07 1.30 -11.79
C ALA E 56 2.57 1.39 -12.06
N GLU E 57 3.06 0.60 -13.00
CA GLU E 57 4.44 0.64 -13.44
C GLU E 57 4.48 1.24 -14.84
N LYS E 58 4.80 2.54 -14.91
CA LYS E 58 4.92 3.24 -16.18
C LYS E 58 6.35 3.72 -16.36
N THR E 59 6.84 3.70 -17.59
CA THR E 59 8.19 4.16 -17.85
C THR E 59 8.24 5.64 -18.20
N LYS E 60 7.23 6.14 -18.91
CA LYS E 60 7.20 7.55 -19.28
C LYS E 60 5.76 7.99 -19.45
N GLU E 61 5.32 8.93 -18.63
CA GLU E 61 4.01 9.55 -18.77
C GLU E 61 4.20 11.03 -19.08
N GLN E 62 3.48 11.53 -20.07
CA GLN E 62 3.67 12.88 -20.55
C GLN E 62 2.33 13.48 -20.94
N VAL E 63 2.05 14.68 -20.44
CA VAL E 63 0.84 15.41 -20.75
C VAL E 63 1.22 16.76 -21.32
N THR E 64 0.62 17.12 -22.44
CA THR E 64 0.85 18.40 -23.11
C THR E 64 -0.49 19.03 -23.37
N ASN E 65 -0.80 20.12 -22.66
CA ASN E 65 -2.07 20.80 -22.76
C ASN E 65 -1.83 22.21 -23.28
N VAL E 66 -2.57 22.59 -24.32
CA VAL E 66 -2.50 23.93 -24.90
C VAL E 66 -3.93 24.47 -24.97
N GLY E 67 -4.35 25.18 -23.93
CA GLY E 67 -5.60 25.91 -23.97
C GLY E 67 -6.83 25.17 -23.50
N GLY E 68 -6.74 23.86 -23.25
CA GLY E 68 -7.92 23.13 -22.83
C GLY E 68 -7.88 22.64 -21.40
N ALA E 69 -8.58 21.54 -21.11
CA ALA E 69 -8.60 20.95 -19.79
C ALA E 69 -8.24 19.47 -19.89
N VAL E 70 -7.49 18.99 -18.91
CA VAL E 70 -7.05 17.60 -18.85
C VAL E 70 -7.15 17.12 -17.41
N VAL E 71 -7.81 15.98 -17.20
CA VAL E 71 -7.87 15.31 -15.91
C VAL E 71 -7.40 13.88 -16.11
N THR E 72 -6.30 13.51 -15.47
CA THR E 72 -5.73 12.18 -15.61
C THR E 72 -5.36 11.61 -14.25
N GLY E 73 -5.59 10.31 -14.08
CA GLY E 73 -5.16 9.59 -12.90
C GLY E 73 -5.94 9.88 -11.64
N VAL E 74 -7.22 9.52 -11.61
CA VAL E 74 -8.07 9.69 -10.44
C VAL E 74 -8.44 8.30 -9.94
N THR E 75 -8.12 8.01 -8.68
CA THR E 75 -8.38 6.70 -8.12
C THR E 75 -8.77 6.80 -6.64
N ALA E 76 -9.68 5.92 -6.22
CA ALA E 76 -10.12 5.80 -4.83
C ALA E 76 -10.70 7.12 -4.31
N VAL E 77 -11.81 7.51 -4.92
CA VAL E 77 -12.47 8.77 -4.61
C VAL E 77 -13.93 8.49 -4.30
N ALA E 78 -14.46 9.15 -3.27
CA ALA E 78 -15.84 8.94 -2.88
C ALA E 78 -16.40 10.24 -2.29
N GLN E 79 -17.69 10.48 -2.53
CA GLN E 79 -18.31 11.66 -1.96
C GLN E 79 -19.82 11.49 -1.92
N LYS E 80 -20.46 12.43 -1.23
CA LYS E 80 -21.92 12.47 -1.11
C LYS E 80 -22.34 13.93 -1.10
N THR E 81 -23.31 14.28 -1.94
CA THR E 81 -23.77 15.66 -2.07
C THR E 81 -25.28 15.70 -1.91
N VAL E 82 -25.74 16.66 -1.11
CA VAL E 82 -27.18 16.86 -0.89
C VAL E 82 -27.52 18.25 -1.37
N GLU E 83 -28.48 18.33 -2.29
CA GLU E 83 -28.88 19.57 -2.95
C GLU E 83 -27.66 20.29 -3.54
N GLY E 84 -27.07 19.62 -4.51
CA GLY E 84 -25.97 20.19 -5.26
C GLY E 84 -25.48 19.20 -6.29
N ALA E 85 -24.82 19.74 -7.31
CA ALA E 85 -24.23 18.90 -8.34
C ALA E 85 -22.97 18.24 -7.83
N GLY E 86 -22.80 16.96 -8.14
CA GLY E 86 -21.64 16.22 -7.69
C GLY E 86 -20.82 15.68 -8.84
N SER E 87 -19.59 16.18 -8.99
CA SER E 87 -18.72 15.80 -10.09
C SER E 87 -17.40 15.28 -9.52
N ILE E 88 -16.86 14.24 -10.15
CA ILE E 88 -15.61 13.67 -9.65
C ILE E 88 -14.44 14.10 -10.53
N ALA E 89 -14.44 13.69 -11.80
CA ALA E 89 -13.35 13.98 -12.72
C ALA E 89 -13.94 14.58 -13.99
N ALA E 90 -14.16 15.89 -13.97
CA ALA E 90 -14.80 16.60 -15.07
C ALA E 90 -13.83 17.59 -15.68
N ALA E 91 -13.61 17.48 -16.98
CA ALA E 91 -12.78 18.40 -17.74
C ALA E 91 -13.66 19.18 -18.70
N THR E 92 -13.73 20.49 -18.52
CA THR E 92 -14.46 21.38 -19.42
C THR E 92 -13.46 22.18 -20.23
N GLY E 93 -13.60 22.15 -21.55
CA GLY E 93 -12.64 22.78 -22.45
C GLY E 93 -12.42 24.26 -22.19
N PHE E 94 -13.48 25.05 -22.30
CA PHE E 94 -13.49 26.44 -21.88
C PHE E 94 -14.92 26.96 -22.06
N VAL E 95 -15.14 28.19 -21.60
CA VAL E 95 -16.45 28.84 -21.70
C VAL E 95 -16.23 30.17 -22.41
N LYS E 96 -16.61 30.24 -23.67
CA LYS E 96 -16.49 31.44 -24.47
C LYS E 96 -17.80 32.24 -24.45
N LYS E 97 -17.68 33.54 -24.66
CA LYS E 97 -18.84 34.42 -24.70
C LYS E 97 -18.68 35.49 -25.78
N VAL F 37 34.54 -17.30 -16.98
CA VAL F 37 35.71 -16.53 -16.61
C VAL F 37 35.50 -15.06 -16.93
N LEU F 38 34.32 -14.73 -17.47
CA LEU F 38 33.99 -13.34 -17.76
C LEU F 38 32.47 -13.20 -17.79
N TYR F 39 31.92 -12.56 -16.77
CA TYR F 39 30.51 -12.23 -16.72
C TYR F 39 30.35 -10.73 -16.86
N VAL F 40 29.43 -10.30 -17.71
CA VAL F 40 29.13 -8.88 -17.90
C VAL F 40 27.62 -8.75 -17.83
N GLY F 41 27.11 -8.40 -16.65
CA GLY F 41 25.68 -8.28 -16.43
C GLY F 41 25.28 -6.84 -16.17
N SER F 42 24.20 -6.41 -16.82
N SER F 42 24.19 -6.41 -16.81
CA SER F 42 23.67 -5.07 -16.68
CA SER F 42 23.67 -5.07 -16.68
C SER F 42 22.19 -5.16 -16.34
C SER F 42 22.19 -5.14 -16.36
N LYS F 43 21.78 -4.46 -15.28
CA LYS F 43 20.39 -4.48 -14.83
C LYS F 43 19.90 -5.92 -14.61
N THR F 44 20.66 -6.66 -13.82
CA THR F 44 20.32 -8.03 -13.47
C THR F 44 19.50 -8.05 -12.19
N LYS F 45 18.49 -8.90 -12.15
CA LYS F 45 17.64 -9.08 -10.98
C LYS F 45 17.51 -10.56 -10.69
N GLU F 46 17.97 -10.99 -9.52
CA GLU F 46 17.83 -12.38 -9.07
C GLU F 46 17.15 -12.38 -7.72
N GLY F 47 16.04 -13.11 -7.62
CA GLY F 47 15.29 -13.18 -6.39
C GLY F 47 14.83 -11.82 -5.92
N VAL F 48 13.91 -11.21 -6.66
CA VAL F 48 13.46 -9.86 -6.39
C VAL F 48 11.95 -9.82 -6.42
N VAL F 49 11.36 -9.06 -5.50
CA VAL F 49 9.93 -8.78 -5.49
C VAL F 49 9.75 -7.28 -5.46
N HIS F 50 9.04 -6.73 -6.43
CA HIS F 50 8.83 -5.30 -6.43
C HIS F 50 7.48 -4.96 -7.06
N GLY F 51 6.97 -3.79 -6.70
CA GLY F 51 5.67 -3.34 -7.17
C GLY F 51 4.53 -4.20 -6.69
N VAL F 52 4.29 -4.20 -5.37
CA VAL F 52 3.28 -5.06 -4.75
C VAL F 52 2.40 -4.20 -3.86
N ALA F 53 1.09 -4.35 -4.03
CA ALA F 53 0.11 -3.64 -3.21
C ALA F 53 -0.94 -4.63 -2.75
N THR F 54 -1.06 -4.83 -1.44
CA THR F 54 -1.98 -5.81 -0.88
C THR F 54 -2.84 -5.15 0.21
N VAL F 55 -4.10 -5.57 0.26
CA VAL F 55 -5.04 -5.13 1.29
C VAL F 55 -5.67 -6.37 1.91
N ALA F 56 -5.74 -6.39 3.24
CA ALA F 56 -6.33 -7.50 3.98
C ALA F 56 -7.29 -6.95 5.04
N GLU F 57 -8.58 -7.09 4.80
CA GLU F 57 -9.61 -6.71 5.75
C GLU F 57 -10.22 -7.99 6.33
N LYS F 58 -9.78 -8.36 7.53
CA LYS F 58 -10.30 -9.53 8.23
C LYS F 58 -10.97 -9.09 9.52
N THR F 59 -12.06 -9.76 9.89
CA THR F 59 -12.74 -9.42 11.13
C THR F 59 -12.23 -10.22 12.31
N LYS F 60 -11.87 -11.49 12.10
CA LYS F 60 -11.36 -12.31 13.19
C LYS F 60 -10.45 -13.38 12.61
N GLU F 61 -9.18 -13.34 12.98
CA GLU F 61 -8.23 -14.38 12.63
C GLU F 61 -7.76 -15.07 13.89
N GLN F 62 -7.75 -16.40 13.87
CA GLN F 62 -7.45 -17.18 15.06
C GLN F 62 -6.64 -18.40 14.67
N VAL F 63 -5.55 -18.64 15.40
CA VAL F 63 -4.69 -19.79 15.19
C VAL F 63 -4.57 -20.53 16.50
N THR F 64 -4.79 -21.85 16.47
CA THR F 64 -4.69 -22.70 17.65
C THR F 64 -3.79 -23.87 17.30
N ASN F 65 -2.58 -23.87 17.86
CA ASN F 65 -1.59 -24.89 17.58
C ASN F 65 -1.32 -25.69 18.85
N VAL F 66 -1.38 -27.02 18.73
CA VAL F 66 -1.11 -27.92 19.84
C VAL F 66 -0.08 -28.93 19.35
N GLY F 67 1.20 -28.64 19.57
CA GLY F 67 2.26 -29.59 19.34
C GLY F 67 2.85 -29.63 17.95
N GLY F 68 2.27 -28.91 16.99
CA GLY F 68 2.80 -28.94 15.63
C GLY F 68 3.49 -27.66 15.20
N ALA F 69 3.44 -27.37 13.90
CA ALA F 69 4.02 -26.16 13.34
C ALA F 69 3.01 -25.48 12.44
N VAL F 70 2.97 -24.15 12.50
CA VAL F 70 2.06 -23.35 11.70
C VAL F 70 2.79 -22.12 11.19
N VAL F 71 2.70 -21.88 9.88
CA VAL F 71 3.24 -20.69 9.25
C VAL F 71 2.10 -20.04 8.46
N THR F 72 1.71 -18.84 8.86
CA THR F 72 0.62 -18.12 8.21
C THR F 72 1.01 -16.68 7.91
N GLY F 73 0.56 -16.19 6.77
CA GLY F 73 0.73 -14.78 6.42
C GLY F 73 2.13 -14.35 6.05
N VAL F 74 2.66 -14.87 4.95
CA VAL F 74 3.98 -14.50 4.46
C VAL F 74 3.81 -13.78 3.12
N THR F 75 4.31 -12.55 3.03
CA THR F 75 4.12 -11.75 1.84
C THR F 75 5.35 -10.87 1.57
N ALA F 76 5.66 -10.70 0.29
CA ALA F 76 6.75 -9.83 -0.19
C ALA F 76 8.09 -10.25 0.42
N VAL F 77 8.52 -11.45 0.05
CA VAL F 77 9.74 -12.04 0.57
C VAL F 77 10.60 -12.48 -0.60
N ALA F 78 11.91 -12.24 -0.50
CA ALA F 78 12.83 -12.57 -1.57
C ALA F 78 14.19 -12.92 -0.98
N GLN F 79 14.88 -13.86 -1.61
CA GLN F 79 16.21 -14.21 -1.12
C GLN F 79 16.99 -14.93 -2.21
N LYS F 80 18.29 -15.09 -1.96
CA LYS F 80 19.20 -15.80 -2.84
C LYS F 80 20.18 -16.58 -1.99
N THR F 81 20.37 -17.85 -2.32
CA THR F 81 21.25 -18.73 -1.55
C THR F 81 22.22 -19.41 -2.48
N VAL F 82 23.50 -19.45 -2.09
CA VAL F 82 24.54 -20.09 -2.86
C VAL F 82 25.15 -21.20 -2.01
N GLU F 83 25.08 -22.43 -2.54
CA GLU F 83 25.51 -23.64 -1.83
C GLU F 83 24.84 -23.71 -0.45
N GLY F 84 23.52 -23.86 -0.50
CA GLY F 84 22.75 -24.06 0.71
C GLY F 84 21.29 -24.21 0.34
N ALA F 85 20.54 -24.82 1.25
CA ALA F 85 19.12 -24.97 1.05
C ALA F 85 18.40 -23.65 1.29
N GLY F 86 17.43 -23.34 0.44
CA GLY F 86 16.68 -22.11 0.57
C GLY F 86 15.20 -22.33 0.75
N SER F 87 14.69 -21.99 1.94
CA SER F 87 13.30 -22.19 2.30
C SER F 87 12.69 -20.86 2.67
N ILE F 88 11.42 -20.65 2.34
CA ILE F 88 10.73 -19.41 2.63
C ILE F 88 9.69 -19.60 3.75
N ALA F 89 8.68 -20.43 3.51
CA ALA F 89 7.62 -20.67 4.50
C ALA F 89 7.46 -22.18 4.66
N ALA F 90 8.28 -22.76 5.53
CA ALA F 90 8.30 -24.21 5.72
C ALA F 90 7.88 -24.52 7.14
N ALA F 91 6.84 -25.35 7.27
CA ALA F 91 6.37 -25.83 8.56
C ALA F 91 6.66 -27.32 8.65
N THR F 92 7.50 -27.71 9.60
CA THR F 92 7.81 -29.11 9.87
C THR F 92 7.17 -29.50 11.19
N GLY F 93 6.37 -30.57 11.17
CA GLY F 93 5.61 -31.00 12.32
C GLY F 93 6.42 -31.24 13.57
N PHE F 94 7.35 -32.19 13.51
CA PHE F 94 8.35 -32.42 14.54
C PHE F 94 9.29 -33.51 14.03
N VAL F 95 10.37 -33.72 14.78
CA VAL F 95 11.38 -34.73 14.45
C VAL F 95 11.48 -35.65 15.65
N LYS F 96 10.86 -36.82 15.55
CA LYS F 96 10.91 -37.83 16.60
C LYS F 96 12.07 -38.80 16.34
N LYS F 97 12.52 -39.44 17.42
CA LYS F 97 13.59 -40.41 17.32
C LYS F 97 13.34 -41.58 18.27
#